data_8PNX
#
_entry.id   8PNX
#
_cell.length_a   105.437
_cell.length_b   105.437
_cell.length_c   51.144
_cell.angle_alpha   90.00
_cell.angle_beta   90.00
_cell.angle_gamma   120.00
#
_symmetry.space_group_name_H-M   'P 31 2 1'
#
loop_
_entity.id
_entity.type
_entity.pdbx_description
1 polymer 'Branched-chain amino acid aminotransferase/4-amino-4-deoxychorismate lyase'
2 non-polymer "4'-DEOXY-4'-AMINOPYRIDOXAL-5'-PHOSPHATE"
3 non-polymer 1,2-ETHANEDIOL
4 non-polymer 'SODIUM ION'
5 water water
#
_entity_poly.entity_id   1
_entity_poly.type   'polypeptide(L)'
_entity_poly.pdbx_seq_one_letter_code
;MNEQRSVAVWRDGAAVTVPAHQPVVTAFDLGLGRGDGIFESVAVVAGRTPHLAAHLTRLTRSAALLGLPAPGDQAWMEMV
AAVLADWPAALEGVCRLFLTRGLGDGTPPTALALLAPVPADTLRQRAEGISVATLGLGVPADFRAGAPWLLGGAKTLSYA
VNMAAQRHAHDLGADDVVFTSLEGRLLEGPTSTVVWAAGGTLHTPPVETGILPGTTQARLFTAAAADGWPTSVTPGTVDD
LHAADAVWLLSGVRGAAVVHTVDGVRRGDGDLSRRVRELLA
;
_entity_poly.pdbx_strand_id   A
#
# COMPACT_ATOMS: atom_id res chain seq x y z
N GLN A 4 0.55 -9.72 -19.97
CA GLN A 4 0.62 -10.76 -18.90
C GLN A 4 1.47 -10.22 -17.74
N ARG A 5 2.80 -10.39 -17.76
CA ARG A 5 3.71 -10.07 -16.61
CA ARG A 5 3.70 -10.07 -16.62
C ARG A 5 5.04 -9.57 -17.18
N SER A 6 5.70 -8.67 -16.47
CA SER A 6 6.97 -8.09 -16.96
C SER A 6 7.87 -7.82 -15.77
N VAL A 7 9.16 -8.11 -15.92
CA VAL A 7 10.13 -7.94 -14.82
C VAL A 7 11.36 -7.24 -15.40
N ALA A 8 11.97 -6.35 -14.62
CA ALA A 8 13.28 -5.76 -14.93
C ALA A 8 14.13 -5.73 -13.65
N VAL A 9 15.38 -6.14 -13.78
CA VAL A 9 16.32 -6.23 -12.63
C VAL A 9 17.41 -5.17 -12.86
N TRP A 10 17.94 -4.62 -11.77
CA TRP A 10 19.00 -3.59 -11.77
C TRP A 10 20.33 -4.33 -11.79
N ARG A 11 21.01 -4.28 -12.93
CA ARG A 11 22.17 -5.10 -13.34
C ARG A 11 23.25 -4.18 -13.92
N ASP A 12 24.35 -3.97 -13.19
CA ASP A 12 25.54 -3.19 -13.63
C ASP A 12 25.08 -1.78 -14.07
N GLY A 13 24.33 -1.08 -13.21
CA GLY A 13 23.83 0.29 -13.42
C GLY A 13 22.87 0.42 -14.59
N ALA A 14 22.13 -0.62 -14.96
CA ALA A 14 21.09 -0.54 -16.02
C ALA A 14 19.89 -1.42 -15.67
N ALA A 15 18.71 -1.08 -16.22
CA ALA A 15 17.51 -1.94 -16.15
C ALA A 15 17.57 -3.00 -17.26
N VAL A 16 17.63 -4.27 -16.89
CA VAL A 16 17.59 -5.37 -17.87
C VAL A 16 16.23 -6.06 -17.75
N THR A 17 15.47 -6.04 -18.83
CA THR A 17 14.22 -6.82 -18.97
CA THR A 17 14.22 -6.83 -18.93
C THR A 17 14.58 -8.31 -18.88
N VAL A 18 13.87 -9.10 -18.09
CA VAL A 18 13.98 -10.59 -18.09
C VAL A 18 12.58 -11.17 -18.26
N PRO A 19 12.41 -12.38 -18.82
CA PRO A 19 11.08 -12.97 -18.87
C PRO A 19 10.50 -13.18 -17.44
N ALA A 20 9.17 -13.05 -17.33
CA ALA A 20 8.42 -12.97 -16.05
C ALA A 20 8.52 -14.30 -15.27
N HIS A 21 8.62 -15.44 -15.95
CA HIS A 21 8.68 -16.79 -15.34
C HIS A 21 10.12 -17.11 -14.90
N GLN A 22 11.09 -16.30 -15.29
CA GLN A 22 12.54 -16.56 -15.04
C GLN A 22 12.91 -16.17 -13.61
N PRO A 23 13.57 -17.08 -12.88
CA PRO A 23 14.05 -16.79 -11.53
C PRO A 23 14.96 -15.56 -11.55
N VAL A 24 14.85 -14.69 -10.54
CA VAL A 24 15.67 -13.46 -10.45
C VAL A 24 16.37 -13.36 -9.12
N VAL A 25 15.95 -14.13 -8.12
CA VAL A 25 16.56 -13.99 -6.78
C VAL A 25 17.15 -15.35 -6.41
N THR A 26 18.37 -15.34 -5.87
CA THR A 26 19.07 -16.56 -5.38
C THR A 26 18.51 -16.95 -4.00
N ALA A 27 18.79 -18.20 -3.59
CA ALA A 27 18.35 -18.78 -2.32
C ALA A 27 18.83 -17.90 -1.14
N PHE A 28 19.97 -17.21 -1.28
CA PHE A 28 20.66 -16.53 -0.15
C PHE A 28 20.23 -15.07 -0.03
N ASP A 29 19.39 -14.59 -0.94
CA ASP A 29 18.88 -13.19 -0.89
C ASP A 29 18.12 -13.03 0.43
N LEU A 30 18.45 -12.00 1.21
CA LEU A 30 17.86 -11.73 2.54
C LEU A 30 16.44 -11.22 2.38
N GLY A 31 16.04 -10.75 1.20
CA GLY A 31 14.63 -10.37 0.96
C GLY A 31 13.78 -11.62 1.01
N LEU A 32 14.29 -12.73 0.49
CA LEU A 32 13.58 -14.02 0.58
C LEU A 32 13.71 -14.63 1.98
N GLY A 33 14.93 -14.81 2.48
CA GLY A 33 15.15 -15.64 3.70
C GLY A 33 14.78 -14.95 4.98
N ARG A 34 14.81 -13.61 4.99
CA ARG A 34 14.51 -12.80 6.19
C ARG A 34 13.38 -11.79 5.96
N GLY A 35 12.82 -11.66 4.74
CA GLY A 35 11.79 -10.64 4.49
C GLY A 35 12.37 -9.27 4.73
N ASP A 36 13.69 -9.15 4.52
CA ASP A 36 14.54 -7.99 4.87
C ASP A 36 14.75 -7.14 3.61
N GLY A 37 13.77 -6.27 3.38
CA GLY A 37 13.79 -5.38 2.22
C GLY A 37 12.59 -4.48 2.33
N ILE A 38 12.45 -3.61 1.34
CA ILE A 38 11.28 -2.71 1.31
C ILE A 38 10.63 -2.80 -0.05
N PHE A 39 9.41 -2.30 -0.14
CA PHE A 39 8.79 -2.22 -1.47
C PHE A 39 7.79 -1.07 -1.54
N GLU A 40 7.40 -0.83 -2.78
CA GLU A 40 6.32 0.10 -3.16
C GLU A 40 5.48 -0.57 -4.24
N SER A 41 4.19 -0.29 -4.22
CA SER A 41 3.22 -0.80 -5.23
C SER A 41 2.68 0.39 -6.00
N VAL A 42 2.97 0.46 -7.30
CA VAL A 42 2.65 1.66 -8.12
C VAL A 42 1.57 1.30 -9.14
N ALA A 43 0.50 2.08 -9.19
CA ALA A 43 -0.58 1.88 -10.16
C ALA A 43 -0.08 2.21 -11.55
N VAL A 44 -0.47 1.34 -12.48
CA VAL A 44 -0.30 1.57 -13.93
C VAL A 44 -1.67 1.68 -14.61
N VAL A 45 -1.95 2.87 -15.12
CA VAL A 45 -3.31 3.29 -15.58
C VAL A 45 -3.08 3.94 -16.93
N ALA A 46 -3.63 3.36 -17.99
CA ALA A 46 -3.48 3.82 -19.38
C ALA A 46 -1.99 3.87 -19.76
N GLY A 47 -1.22 2.90 -19.26
CA GLY A 47 0.20 2.69 -19.59
C GLY A 47 1.10 3.72 -18.96
N ARG A 48 0.63 4.47 -17.94
CA ARG A 48 1.38 5.56 -17.25
C ARG A 48 1.36 5.27 -15.75
N THR A 49 2.31 5.84 -15.00
CA THR A 49 2.37 5.73 -13.52
C THR A 49 1.98 7.08 -12.93
N PRO A 50 0.68 7.39 -12.73
CA PRO A 50 0.28 8.75 -12.37
C PRO A 50 0.87 9.25 -11.04
N HIS A 51 1.20 8.35 -10.11
CA HIS A 51 1.67 8.77 -8.77
C HIS A 51 3.05 8.21 -8.46
N LEU A 52 3.87 7.98 -9.48
CA LEU A 52 5.18 7.34 -9.30
C LEU A 52 5.99 8.12 -8.27
N ALA A 53 6.06 9.43 -8.39
CA ALA A 53 6.97 10.26 -7.55
C ALA A 53 6.64 10.10 -6.07
N ALA A 54 5.35 10.12 -5.70
CA ALA A 54 4.84 9.91 -4.32
C ALA A 54 5.41 8.59 -3.76
N HIS A 55 5.34 7.54 -4.56
CA HIS A 55 5.85 6.19 -4.18
C HIS A 55 7.36 6.23 -4.05
N LEU A 56 8.08 6.91 -4.95
CA LEU A 56 9.59 6.90 -4.85
C LEU A 56 10.03 7.71 -3.63
N THR A 57 9.28 8.75 -3.27
CA THR A 57 9.62 9.53 -2.06
C THR A 57 9.47 8.60 -0.84
N ARG A 58 8.39 7.84 -0.76
CA ARG A 58 8.20 6.92 0.39
C ARG A 58 9.20 5.76 0.38
N LEU A 59 9.53 5.22 -0.77
CA LEU A 59 10.61 4.20 -0.93
C LEU A 59 11.88 4.74 -0.23
N THR A 60 12.32 5.96 -0.54
CA THR A 60 13.51 6.55 0.11
C THR A 60 13.36 6.47 1.64
N ARG A 61 12.19 6.82 2.19
CA ARG A 61 11.94 6.84 3.66
CA ARG A 61 11.99 6.84 3.66
C ARG A 61 11.97 5.40 4.19
N SER A 62 11.35 4.46 3.47
CA SER A 62 11.38 3.05 3.92
C SER A 62 12.84 2.57 3.95
N ALA A 63 13.60 2.86 2.92
CA ALA A 63 15.00 2.40 2.80
C ALA A 63 15.82 2.98 3.96
N ALA A 64 15.63 4.26 4.28
CA ALA A 64 16.33 4.92 5.41
C ALA A 64 16.05 4.16 6.73
N LEU A 65 14.77 3.90 7.04
CA LEU A 65 14.37 3.20 8.28
C LEU A 65 15.07 1.84 8.37
N LEU A 66 15.33 1.13 7.26
CA LEU A 66 15.93 -0.23 7.30
C LEU A 66 17.44 -0.16 7.02
N GLY A 67 17.99 1.05 6.90
CA GLY A 67 19.43 1.22 6.68
C GLY A 67 19.84 0.58 5.38
N LEU A 68 18.99 0.67 4.35
CA LEU A 68 19.19 0.02 3.03
C LEU A 68 19.74 1.06 2.06
N PRO A 69 20.91 0.84 1.42
CA PRO A 69 21.33 1.72 0.32
C PRO A 69 20.32 1.63 -0.82
N ALA A 70 19.82 2.76 -1.30
CA ALA A 70 18.75 2.79 -2.33
C ALA A 70 19.36 3.33 -3.60
N PRO A 71 19.04 2.77 -4.79
CA PRO A 71 19.65 3.19 -6.05
C PRO A 71 19.22 4.58 -6.55
N GLY A 72 18.23 5.23 -5.92
CA GLY A 72 17.81 6.60 -6.27
C GLY A 72 16.77 6.63 -7.38
N ASP A 73 16.08 7.77 -7.52
CA ASP A 73 14.87 7.96 -8.37
C ASP A 73 15.16 7.56 -9.83
N GLN A 74 16.28 8.03 -10.41
CA GLN A 74 16.65 7.76 -11.84
C GLN A 74 16.55 6.26 -12.13
N ALA A 75 17.23 5.46 -11.30
CA ALA A 75 17.28 3.98 -11.48
C ALA A 75 15.85 3.43 -11.49
N TRP A 76 15.04 3.80 -10.50
CA TRP A 76 13.66 3.26 -10.41
C TRP A 76 12.86 3.67 -11.65
N MET A 77 12.95 4.91 -12.12
CA MET A 77 12.20 5.30 -13.34
CA MET A 77 12.19 5.31 -13.33
CA MET A 77 12.19 5.29 -13.34
C MET A 77 12.66 4.45 -14.53
N GLU A 78 13.98 4.16 -14.63
CA GLU A 78 14.52 3.29 -15.73
CA GLU A 78 14.51 3.30 -15.73
C GLU A 78 13.91 1.88 -15.63
N MET A 79 13.78 1.36 -14.42
CA MET A 79 13.20 0.00 -14.21
CA MET A 79 13.19 0.01 -14.16
C MET A 79 11.70 0.04 -14.54
N VAL A 80 11.00 1.10 -14.14
CA VAL A 80 9.55 1.28 -14.44
C VAL A 80 9.38 1.36 -15.96
N ALA A 81 10.25 2.13 -16.62
CA ALA A 81 10.21 2.28 -18.11
C ALA A 81 10.36 0.92 -18.78
N ALA A 82 11.28 0.07 -18.29
CA ALA A 82 11.63 -1.21 -18.91
C ALA A 82 10.42 -2.14 -18.88
N VAL A 83 9.73 -2.24 -17.72
CA VAL A 83 8.54 -3.13 -17.57
C VAL A 83 7.30 -2.56 -18.29
N LEU A 84 7.21 -1.23 -18.47
CA LEU A 84 6.05 -0.56 -19.14
C LEU A 84 6.14 -0.71 -20.66
N ALA A 85 7.34 -0.98 -21.20
CA ALA A 85 7.65 -0.89 -22.65
C ALA A 85 6.51 -1.51 -23.48
N ASP A 86 6.14 -2.76 -23.22
CA ASP A 86 5.16 -3.52 -24.05
C ASP A 86 3.82 -3.68 -23.32
N TRP A 87 3.58 -2.86 -22.30
CA TRP A 87 2.38 -2.99 -21.44
C TRP A 87 1.17 -2.44 -22.18
N PRO A 88 0.02 -3.14 -22.20
CA PRO A 88 -1.18 -2.59 -22.82
C PRO A 88 -1.77 -1.44 -21.97
N ALA A 89 -2.00 -0.30 -22.61
CA ALA A 89 -2.66 0.87 -22.00
C ALA A 89 -4.06 0.48 -21.49
N ALA A 90 -4.77 -0.45 -22.16
CA ALA A 90 -6.16 -0.80 -21.76
C ALA A 90 -6.20 -1.67 -20.48
N LEU A 91 -5.06 -2.12 -19.96
CA LEU A 91 -4.98 -3.09 -18.84
C LEU A 91 -4.37 -2.40 -17.62
N GLU A 92 -5.14 -2.21 -16.57
CA GLU A 92 -4.60 -1.56 -15.36
C GLU A 92 -3.64 -2.57 -14.72
N GLY A 93 -2.49 -2.08 -14.28
CA GLY A 93 -1.38 -2.87 -13.77
C GLY A 93 -1.00 -2.45 -12.36
N VAL A 94 -0.23 -3.30 -11.71
CA VAL A 94 0.44 -2.97 -10.43
C VAL A 94 1.92 -3.22 -10.66
N CYS A 95 2.70 -2.16 -10.48
CA CYS A 95 4.15 -2.25 -10.69
C CYS A 95 4.75 -2.21 -9.31
N ARG A 96 5.38 -3.30 -8.88
N ARG A 96 5.33 -3.31 -8.83
CA ARG A 96 6.03 -3.36 -7.56
CA ARG A 96 5.98 -3.31 -7.50
C ARG A 96 7.53 -3.11 -7.75
C ARG A 96 7.48 -3.14 -7.71
N LEU A 97 8.10 -2.35 -6.81
CA LEU A 97 9.54 -2.07 -6.74
C LEU A 97 10.07 -2.75 -5.47
N PHE A 98 11.01 -3.67 -5.62
CA PHE A 98 11.57 -4.42 -4.46
C PHE A 98 12.99 -3.96 -4.29
N LEU A 99 13.39 -3.70 -3.06
CA LEU A 99 14.79 -3.40 -2.71
C LEU A 99 15.09 -4.25 -1.48
N THR A 100 15.95 -5.24 -1.64
CA THR A 100 16.30 -6.19 -0.55
C THR A 100 17.72 -5.89 -0.06
N ARG A 101 18.06 -6.40 1.13
CA ARG A 101 19.45 -6.31 1.64
C ARG A 101 20.40 -7.15 0.79
N GLY A 102 19.87 -7.98 -0.10
CA GLY A 102 20.73 -8.83 -0.96
C GLY A 102 21.40 -9.91 -0.15
N LEU A 103 22.68 -10.15 -0.40
CA LEU A 103 23.46 -11.24 0.25
C LEU A 103 23.94 -10.78 1.63
N GLY A 104 23.82 -9.48 1.94
CA GLY A 104 24.15 -8.88 3.25
C GLY A 104 24.51 -7.39 3.13
N ASP A 105 24.60 -6.68 4.27
CA ASP A 105 25.12 -5.29 4.37
C ASP A 105 26.62 -5.32 4.06
N GLY A 106 27.04 -4.74 2.92
CA GLY A 106 28.43 -4.77 2.40
C GLY A 106 28.47 -5.19 0.94
N THR A 107 27.65 -6.18 0.59
CA THR A 107 27.30 -6.59 -0.81
C THR A 107 26.13 -5.73 -1.29
N PRO A 108 25.98 -5.51 -2.60
CA PRO A 108 24.93 -4.63 -3.12
C PRO A 108 23.49 -5.11 -2.86
N PRO A 109 22.56 -4.18 -2.57
CA PRO A 109 21.16 -4.56 -2.39
C PRO A 109 20.57 -4.97 -3.75
N THR A 110 19.58 -5.82 -3.71
CA THR A 110 18.88 -6.29 -4.93
C THR A 110 17.73 -5.35 -5.29
N ALA A 111 17.71 -4.82 -6.51
CA ALA A 111 16.61 -3.94 -6.97
C ALA A 111 15.88 -4.60 -8.14
N LEU A 112 14.56 -4.60 -8.07
CA LEU A 112 13.84 -4.94 -9.31
CA LEU A 112 13.66 -5.25 -9.06
C LEU A 112 12.43 -4.37 -9.33
N ALA A 113 11.87 -4.45 -10.52
CA ALA A 113 10.50 -4.00 -10.82
C ALA A 113 9.74 -5.16 -11.45
N LEU A 114 8.49 -5.35 -11.06
CA LEU A 114 7.62 -6.45 -11.51
C LEU A 114 6.23 -5.85 -11.71
N LEU A 115 5.67 -6.09 -12.89
CA LEU A 115 4.38 -5.52 -13.32
C LEU A 115 3.45 -6.67 -13.69
N ALA A 116 2.24 -6.64 -13.15
CA ALA A 116 1.18 -7.63 -13.46
C ALA A 116 -0.13 -6.88 -13.50
N PRO A 117 -1.20 -7.47 -14.08
CA PRO A 117 -2.52 -6.86 -14.02
C PRO A 117 -3.01 -6.77 -12.58
N VAL A 118 -3.74 -5.71 -12.29
CA VAL A 118 -4.64 -5.69 -11.13
C VAL A 118 -5.63 -6.83 -11.32
N PRO A 119 -5.74 -7.76 -10.35
CA PRO A 119 -6.70 -8.86 -10.48
C PRO A 119 -8.17 -8.40 -10.57
N ALA A 120 -8.97 -9.19 -11.30
CA ALA A 120 -10.42 -8.93 -11.44
C ALA A 120 -11.13 -8.82 -10.08
N ASP A 121 -10.74 -9.59 -9.05
CA ASP A 121 -11.44 -9.51 -7.73
C ASP A 121 -11.11 -8.17 -7.05
N THR A 122 -9.91 -7.64 -7.27
CA THR A 122 -9.50 -6.34 -6.68
C THR A 122 -10.30 -5.23 -7.35
N LEU A 123 -10.46 -5.31 -8.66
CA LEU A 123 -11.30 -4.31 -9.36
C LEU A 123 -12.73 -4.45 -8.84
N ARG A 124 -13.22 -5.67 -8.57
CA ARG A 124 -14.63 -5.84 -8.09
CA ARG A 124 -14.58 -5.96 -8.02
C ARG A 124 -14.79 -5.19 -6.70
N GLN A 125 -13.80 -5.31 -5.81
CA GLN A 125 -13.84 -4.66 -4.48
C GLN A 125 -13.94 -3.16 -4.70
N ARG A 126 -13.20 -2.60 -5.65
CA ARG A 126 -13.24 -1.14 -5.88
C ARG A 126 -14.67 -0.79 -6.32
N ALA A 127 -15.28 -1.63 -7.14
CA ALA A 127 -16.60 -1.32 -7.75
C ALA A 127 -17.71 -1.51 -6.72
N GLU A 128 -17.64 -2.56 -5.92
CA GLU A 128 -18.83 -3.02 -5.13
CA GLU A 128 -18.82 -3.04 -5.14
C GLU A 128 -18.55 -2.94 -3.63
N GLY A 129 -17.31 -2.61 -3.22
CA GLY A 129 -16.92 -2.41 -1.81
C GLY A 129 -16.62 -3.71 -1.06
N ILE A 130 -16.44 -3.61 0.27
CA ILE A 130 -15.88 -4.72 1.09
C ILE A 130 -16.51 -4.78 2.48
N SER A 131 -16.38 -5.95 3.08
CA SER A 131 -16.59 -6.26 4.52
C SER A 131 -15.20 -6.28 5.17
N VAL A 132 -15.15 -5.83 6.42
CA VAL A 132 -13.89 -5.92 7.22
C VAL A 132 -14.17 -6.51 8.60
N ALA A 133 -13.13 -7.16 9.09
CA ALA A 133 -12.97 -7.66 10.45
C ALA A 133 -11.98 -6.72 11.16
N THR A 134 -12.28 -6.31 12.39
CA THR A 134 -11.32 -5.62 13.26
C THR A 134 -10.51 -6.68 14.00
N LEU A 135 -9.19 -6.58 13.91
CA LEU A 135 -8.25 -7.50 14.55
C LEU A 135 -7.22 -6.66 15.31
N GLY A 136 -6.98 -7.03 16.57
CA GLY A 136 -6.00 -6.33 17.41
C GLY A 136 -4.58 -6.73 17.02
N LEU A 137 -3.66 -5.77 16.95
CA LEU A 137 -2.18 -6.00 16.87
C LEU A 137 -1.60 -6.27 18.26
N GLY A 138 -2.29 -5.82 19.32
CA GLY A 138 -1.88 -5.96 20.72
C GLY A 138 -0.78 -5.00 21.11
N VAL A 139 -0.45 -4.05 20.26
CA VAL A 139 0.55 -3.01 20.63
C VAL A 139 -0.22 -1.78 21.07
N PRO A 140 0.20 -1.08 22.14
CA PRO A 140 -0.40 0.21 22.46
C PRO A 140 -0.14 1.23 21.33
N ALA A 141 -1.10 2.13 21.13
CA ALA A 141 -1.08 3.16 20.06
C ALA A 141 0.23 3.99 20.07
N ASP A 142 0.74 4.33 21.27
CA ASP A 142 1.94 5.17 21.55
C ASP A 142 3.26 4.38 21.50
N PHE A 143 3.20 3.05 21.40
CA PHE A 143 4.40 2.20 21.59
C PHE A 143 5.41 2.34 20.44
N ARG A 144 4.99 2.29 19.18
CA ARG A 144 6.00 2.15 18.09
C ARG A 144 6.84 3.45 17.97
N ALA A 145 6.29 4.61 18.33
CA ALA A 145 7.01 5.88 18.24
C ALA A 145 8.26 5.82 19.13
N GLY A 146 8.30 4.88 20.09
CA GLY A 146 9.42 4.73 21.04
C GLY A 146 10.26 3.50 20.75
N ALA A 147 9.97 2.76 19.68
CA ALA A 147 10.51 1.41 19.40
C ALA A 147 10.80 1.29 17.90
N PRO A 148 11.84 1.98 17.41
CA PRO A 148 12.13 2.03 15.98
C PRO A 148 12.44 0.65 15.34
N TRP A 149 12.91 -0.29 16.17
CA TRP A 149 13.19 -1.69 15.72
C TRP A 149 11.92 -2.41 15.23
N LEU A 150 10.72 -1.93 15.60
CA LEU A 150 9.41 -2.50 15.13
C LEU A 150 9.08 -2.01 13.73
N LEU A 151 9.85 -1.07 13.17
CA LEU A 151 9.77 -0.65 11.75
C LEU A 151 8.38 -0.05 11.42
N GLY A 152 7.82 0.69 12.36
CA GLY A 152 6.56 1.43 12.12
C GLY A 152 6.81 2.46 11.04
N GLY A 153 5.87 2.66 10.11
CA GLY A 153 6.09 3.68 9.07
C GLY A 153 7.01 3.22 7.96
N ALA A 154 7.58 2.00 8.04
CA ALA A 154 8.32 1.39 6.91
C ALA A 154 7.42 0.35 6.21
N LYS A 155 7.54 0.27 4.88
CA LYS A 155 6.79 -0.66 4.02
C LYS A 155 7.78 -1.76 3.61
N THR A 156 7.85 -2.84 4.38
CA THR A 156 8.88 -3.91 4.32
C THR A 156 8.33 -5.08 3.50
N LEU A 157 9.20 -6.01 3.16
CA LEU A 157 8.78 -7.31 2.57
C LEU A 157 8.20 -8.28 3.61
N SER A 158 8.19 -7.95 4.90
CA SER A 158 7.83 -8.87 6.00
C SER A 158 6.33 -8.77 6.29
N TYR A 159 5.51 -9.17 5.31
CA TYR A 159 4.03 -8.99 5.44
C TYR A 159 3.36 -10.31 5.79
N ALA A 160 4.03 -11.25 6.44
CA ALA A 160 3.37 -12.55 6.72
C ALA A 160 2.11 -12.35 7.58
N VAL A 161 2.22 -11.55 8.63
CA VAL A 161 1.12 -11.22 9.57
C VAL A 161 -0.02 -10.53 8.81
N ASN A 162 0.32 -9.56 7.98
CA ASN A 162 -0.60 -8.78 7.09
C ASN A 162 -1.41 -9.77 6.27
N MET A 163 -0.76 -10.75 5.64
CA MET A 163 -1.50 -11.77 4.84
C MET A 163 -2.29 -12.74 5.73
N ALA A 164 -1.75 -13.15 6.87
CA ALA A 164 -2.37 -14.08 7.83
C ALA A 164 -3.66 -13.46 8.39
N ALA A 165 -3.66 -12.15 8.64
CA ALA A 165 -4.84 -11.43 9.17
C ALA A 165 -5.96 -11.48 8.11
N GLN A 166 -5.58 -11.22 6.86
CA GLN A 166 -6.53 -11.29 5.72
C GLN A 166 -7.14 -12.70 5.62
N ARG A 167 -6.36 -13.77 5.70
CA ARG A 167 -6.91 -15.14 5.59
C ARG A 167 -7.83 -15.42 6.77
N HIS A 168 -7.46 -14.96 7.95
CA HIS A 168 -8.30 -15.09 9.17
C HIS A 168 -9.64 -14.39 8.93
N ALA A 169 -9.62 -13.15 8.42
CA ALA A 169 -10.83 -12.41 8.00
C ALA A 169 -11.63 -13.28 7.01
N HIS A 170 -10.99 -13.77 5.95
CA HIS A 170 -11.67 -14.56 4.89
C HIS A 170 -12.37 -15.76 5.54
N ASP A 171 -11.75 -16.39 6.56
CA ASP A 171 -12.33 -17.53 7.31
C ASP A 171 -13.61 -17.10 8.04
N LEU A 172 -13.70 -15.86 8.54
CA LEU A 172 -14.90 -15.28 9.22
C LEU A 172 -15.98 -14.89 8.20
N GLY A 173 -15.63 -14.80 6.94
CA GLY A 173 -16.51 -14.32 5.87
C GLY A 173 -16.34 -12.84 5.57
N ALA A 174 -15.23 -12.20 5.95
CA ALA A 174 -14.91 -10.80 5.62
C ALA A 174 -13.84 -10.69 4.52
N ASP A 175 -13.80 -9.58 3.79
CA ASP A 175 -12.88 -9.37 2.64
C ASP A 175 -11.49 -8.90 3.13
N ASP A 176 -11.46 -8.20 4.27
CA ASP A 176 -10.24 -7.45 4.67
C ASP A 176 -10.30 -7.10 6.15
N VAL A 177 -9.31 -6.36 6.59
CA VAL A 177 -9.07 -6.17 8.04
C VAL A 177 -8.86 -4.68 8.28
N VAL A 178 -9.28 -4.24 9.45
CA VAL A 178 -8.74 -2.99 10.06
C VAL A 178 -8.05 -3.41 11.36
N PHE A 179 -6.77 -3.08 11.48
CA PHE A 179 -6.01 -3.40 12.71
C PHE A 179 -6.33 -2.34 13.76
N THR A 180 -6.33 -2.77 15.01
CA THR A 180 -6.56 -1.89 16.20
C THR A 180 -5.41 -2.04 17.18
N SER A 181 -5.12 -0.95 17.87
CA SER A 181 -4.14 -0.96 18.98
C SER A 181 -4.72 -1.70 20.21
N LEU A 182 -3.90 -1.85 21.25
CA LEU A 182 -4.27 -2.62 22.46
C LEU A 182 -5.53 -2.02 23.11
N GLU A 183 -5.60 -0.68 23.17
CA GLU A 183 -6.69 0.15 23.74
C GLU A 183 -7.87 0.31 22.77
N GLY A 184 -7.82 -0.24 21.54
CA GLY A 184 -8.94 -0.22 20.59
C GLY A 184 -8.87 0.94 19.60
N ARG A 185 -7.73 1.63 19.50
CA ARG A 185 -7.56 2.72 18.49
C ARG A 185 -7.40 2.10 17.09
N LEU A 186 -8.04 2.71 16.10
CA LEU A 186 -7.86 2.35 14.68
C LEU A 186 -6.38 2.58 14.31
N LEU A 187 -5.79 1.62 13.62
CA LEU A 187 -4.45 1.76 13.01
C LEU A 187 -4.63 1.86 11.49
N GLU A 188 -4.52 0.74 10.79
CA GLU A 188 -4.66 0.75 9.32
C GLU A 188 -5.05 -0.65 8.89
N GLY A 189 -5.31 -0.80 7.60
CA GLY A 189 -5.51 -2.12 6.99
C GLY A 189 -4.18 -2.82 6.79
N PRO A 190 -4.20 -4.14 6.54
CA PRO A 190 -2.98 -4.89 6.22
C PRO A 190 -2.25 -4.33 5.00
N THR A 191 -2.97 -3.69 4.07
CA THR A 191 -2.46 -3.16 2.78
C THR A 191 -3.17 -1.85 2.44
N SER A 192 -3.70 -1.12 3.41
CA SER A 192 -4.54 0.06 3.11
C SER A 192 -4.69 0.97 4.33
N THR A 193 -5.20 2.17 4.02
CA THR A 193 -5.37 3.26 5.00
C THR A 193 -6.86 3.38 5.28
N VAL A 194 -7.21 3.51 6.54
CA VAL A 194 -8.62 3.73 6.94
C VAL A 194 -8.96 5.23 6.91
N VAL A 195 -10.08 5.55 6.27
CA VAL A 195 -10.67 6.91 6.29
C VAL A 195 -12.16 6.75 6.58
N TRP A 196 -12.67 7.67 7.33
CA TRP A 196 -14.13 7.68 7.58
C TRP A 196 -14.61 9.11 7.54
N ALA A 197 -15.91 9.28 7.29
CA ALA A 197 -16.58 10.60 7.23
C ALA A 197 -17.50 10.71 8.45
N ALA A 198 -17.43 11.82 9.13
CA ALA A 198 -18.25 12.06 10.34
C ALA A 198 -18.33 13.56 10.60
N GLY A 199 -19.55 14.08 10.81
CA GLY A 199 -19.78 15.50 11.12
C GLY A 199 -19.32 16.42 10.00
N GLY A 200 -19.36 15.97 8.76
CA GLY A 200 -18.95 16.77 7.58
C GLY A 200 -17.44 16.77 7.34
N THR A 201 -16.69 16.00 8.14
CA THR A 201 -15.20 15.97 8.13
C THR A 201 -14.77 14.58 7.67
N LEU A 202 -13.71 14.55 6.88
CA LEU A 202 -12.97 13.33 6.51
C LEU A 202 -11.92 13.09 7.60
N HIS A 203 -11.87 11.88 8.13
CA HIS A 203 -11.00 11.53 9.27
C HIS A 203 -10.04 10.43 8.85
N THR A 204 -8.82 10.44 9.37
CA THR A 204 -7.91 9.26 9.29
C THR A 204 -7.11 9.16 10.59
N PRO A 205 -6.62 7.96 10.99
CA PRO A 205 -5.85 7.85 12.21
C PRO A 205 -4.48 8.51 12.07
N PRO A 206 -3.87 8.91 13.23
CA PRO A 206 -2.56 9.56 13.24
C PRO A 206 -1.38 8.63 12.87
N VAL A 207 -0.40 9.14 12.13
CA VAL A 207 0.78 8.35 11.66
C VAL A 207 1.69 8.02 12.86
N GLU A 208 1.59 8.77 13.95
CA GLU A 208 2.52 8.68 15.13
C GLU A 208 2.33 7.31 15.80
N THR A 209 1.22 6.62 15.47
CA THR A 209 0.87 5.26 15.96
C THR A 209 1.70 4.17 15.29
N GLY A 210 2.56 4.50 14.31
CA GLY A 210 3.50 3.56 13.69
C GLY A 210 2.93 2.94 12.41
N ILE A 211 1.80 3.46 11.92
CA ILE A 211 1.22 2.99 10.63
C ILE A 211 2.01 3.55 9.48
N LEU A 212 1.73 3.03 8.29
CA LEU A 212 2.28 3.60 7.03
C LEU A 212 1.53 4.88 6.67
N PRO A 213 2.26 5.96 6.30
CA PRO A 213 1.64 7.18 5.76
C PRO A 213 1.18 6.91 4.33
N GLY A 214 -0.13 6.78 4.15
CA GLY A 214 -0.71 6.34 2.88
C GLY A 214 -0.70 7.48 1.87
N THR A 215 -0.26 7.17 0.67
CA THR A 215 -0.18 8.18 -0.42
C THR A 215 -1.59 8.44 -0.97
N THR A 216 -2.45 7.43 -1.06
CA THR A 216 -3.84 7.63 -1.55
C THR A 216 -4.61 8.52 -0.55
N GLN A 217 -4.54 8.22 0.73
CA GLN A 217 -5.19 9.06 1.78
C GLN A 217 -4.62 10.49 1.75
N ALA A 218 -3.30 10.67 1.66
CA ALA A 218 -2.71 12.03 1.59
C ALA A 218 -3.30 12.83 0.39
N ARG A 219 -3.36 12.23 -0.79
CA ARG A 219 -3.84 12.91 -2.03
C ARG A 219 -5.35 13.21 -1.91
N LEU A 220 -6.14 12.28 -1.36
CA LEU A 220 -7.56 12.61 -1.03
C LEU A 220 -7.62 13.85 -0.14
N PHE A 221 -6.89 13.89 0.98
CA PHE A 221 -6.97 15.02 1.95
C PHE A 221 -6.57 16.33 1.29
N THR A 222 -5.49 16.34 0.51
CA THR A 222 -5.07 17.55 -0.24
C THR A 222 -6.22 18.03 -1.13
N ALA A 223 -6.78 17.13 -1.95
CA ALA A 223 -7.88 17.42 -2.89
C ALA A 223 -9.11 17.90 -2.12
N ALA A 224 -9.43 17.26 -0.98
CA ALA A 224 -10.62 17.56 -0.15
C ALA A 224 -10.51 19.02 0.32
N ALA A 225 -9.33 19.36 0.80
CA ALA A 225 -9.01 20.69 1.37
C ALA A 225 -9.38 21.72 0.30
N ALA A 226 -8.91 21.53 -0.92
CA ALA A 226 -9.08 22.44 -2.06
C ALA A 226 -10.57 22.53 -2.42
N ASP A 227 -11.30 21.43 -2.30
CA ASP A 227 -12.75 21.38 -2.63
C ASP A 227 -13.59 21.90 -1.44
N GLY A 228 -12.99 22.25 -0.31
CA GLY A 228 -13.67 22.75 0.89
C GLY A 228 -14.34 21.66 1.70
N TRP A 229 -13.84 20.42 1.59
CA TRP A 229 -14.25 19.31 2.49
C TRP A 229 -13.24 19.26 3.64
N PRO A 230 -13.65 19.67 4.86
CA PRO A 230 -12.76 19.60 6.03
C PRO A 230 -12.22 18.18 6.26
N THR A 231 -11.00 18.14 6.73
CA THR A 231 -10.23 16.91 6.99
C THR A 231 -9.62 17.06 8.37
N SER A 232 -9.29 15.93 8.96
CA SER A 232 -8.83 15.83 10.36
C SER A 232 -8.04 14.55 10.51
N VAL A 233 -6.98 14.62 11.31
CA VAL A 233 -6.30 13.43 11.89
C VAL A 233 -6.98 13.20 13.25
N THR A 234 -7.62 12.04 13.44
CA THR A 234 -8.51 11.71 14.56
C THR A 234 -8.15 10.35 15.13
N PRO A 235 -7.92 10.26 16.45
CA PRO A 235 -7.61 9.00 17.12
C PRO A 235 -8.88 8.14 17.35
N GLY A 236 -9.55 7.80 16.25
CA GLY A 236 -10.81 7.06 16.28
C GLY A 236 -10.65 5.62 16.79
N THR A 237 -11.77 4.99 17.13
CA THR A 237 -11.88 3.59 17.57
C THR A 237 -12.86 2.83 16.67
N VAL A 238 -13.13 1.56 16.97
CA VAL A 238 -14.08 0.78 16.12
C VAL A 238 -15.46 1.48 16.24
N ASP A 239 -15.72 2.10 17.39
CA ASP A 239 -16.98 2.83 17.58
C ASP A 239 -17.16 3.87 16.46
N ASP A 240 -16.08 4.57 16.10
CA ASP A 240 -16.10 5.62 15.03
C ASP A 240 -16.52 5.01 13.70
N LEU A 241 -16.03 3.82 13.38
CA LEU A 241 -16.40 3.12 12.13
C LEU A 241 -17.90 2.82 12.08
N HIS A 242 -18.49 2.27 13.15
CA HIS A 242 -19.95 1.95 13.21
C HIS A 242 -20.74 3.25 13.08
N ALA A 243 -20.30 4.29 13.79
CA ALA A 243 -21.03 5.56 13.94
C ALA A 243 -20.88 6.43 12.67
N ALA A 244 -19.89 6.16 11.83
CA ALA A 244 -19.53 7.12 10.74
C ALA A 244 -20.67 7.20 9.73
N ASP A 245 -20.66 8.21 8.90
CA ASP A 245 -21.56 8.33 7.72
C ASP A 245 -21.02 7.44 6.59
N ALA A 246 -19.70 7.31 6.48
CA ALA A 246 -19.07 6.40 5.48
C ALA A 246 -17.68 5.97 5.98
N VAL A 247 -17.24 4.79 5.54
CA VAL A 247 -15.90 4.24 5.85
C VAL A 247 -15.33 3.72 4.52
N TRP A 248 -14.07 4.05 4.23
CA TRP A 248 -13.31 3.48 3.10
C TRP A 248 -11.99 2.90 3.63
N LEU A 249 -11.48 1.91 2.93
CA LEU A 249 -10.05 1.56 2.88
C LEU A 249 -9.48 2.10 1.57
N LEU A 250 -8.39 2.88 1.67
CA LEU A 250 -7.70 3.50 0.51
C LEU A 250 -6.30 2.91 0.33
N SER A 251 -5.94 2.61 -0.91
CA SER A 251 -4.62 2.08 -1.33
C SER A 251 -4.35 2.41 -2.78
N GLY A 252 -3.06 2.39 -3.15
CA GLY A 252 -2.63 2.83 -4.48
C GLY A 252 -3.11 1.89 -5.54
N VAL A 253 -3.32 0.62 -5.23
CA VAL A 253 -3.69 -0.41 -6.24
C VAL A 253 -5.21 -0.57 -6.23
N ARG A 254 -5.81 -1.01 -5.13
CA ARG A 254 -7.29 -1.20 -5.07
C ARG A 254 -8.04 0.14 -5.24
N GLY A 255 -7.48 1.23 -4.76
CA GLY A 255 -8.16 2.56 -4.77
C GLY A 255 -9.05 2.73 -3.55
N ALA A 256 -10.22 3.37 -3.73
CA ALA A 256 -11.19 3.61 -2.65
C ALA A 256 -12.16 2.43 -2.63
N ALA A 257 -12.11 1.67 -1.55
CA ALA A 257 -12.99 0.50 -1.34
C ALA A 257 -13.92 0.89 -0.20
N VAL A 258 -15.17 1.16 -0.53
CA VAL A 258 -16.19 1.48 0.51
C VAL A 258 -16.39 0.23 1.36
N VAL A 259 -16.32 0.41 2.67
CA VAL A 259 -16.52 -0.67 3.66
C VAL A 259 -18.01 -0.70 4.01
N HIS A 260 -18.76 -1.67 3.50
CA HIS A 260 -20.22 -1.75 3.74
C HIS A 260 -20.54 -2.59 5.01
N THR A 261 -19.54 -3.21 5.59
CA THR A 261 -19.80 -4.17 6.71
C THR A 261 -18.59 -4.11 7.64
N VAL A 262 -18.81 -3.89 8.93
CA VAL A 262 -17.75 -3.86 9.98
C VAL A 262 -18.09 -4.92 11.04
N ASP A 263 -17.30 -6.00 11.12
CA ASP A 263 -17.55 -7.09 12.10
C ASP A 263 -18.98 -7.60 11.98
N GLY A 264 -19.49 -7.72 10.76
CA GLY A 264 -20.80 -8.31 10.50
C GLY A 264 -21.91 -7.29 10.64
N VAL A 265 -21.60 -6.02 10.90
CA VAL A 265 -22.58 -4.94 11.07
C VAL A 265 -22.59 -4.13 9.76
N ARG A 266 -23.63 -4.33 8.98
CA ARG A 266 -23.82 -3.65 7.67
C ARG A 266 -23.95 -2.14 7.89
N ARG A 267 -23.44 -1.35 6.95
CA ARG A 267 -23.43 0.12 7.03
C ARG A 267 -23.51 0.69 5.60
N GLY A 268 -24.21 1.82 5.46
CA GLY A 268 -24.32 2.61 4.23
C GLY A 268 -23.19 3.62 4.15
N ASP A 269 -23.07 4.37 3.06
CA ASP A 269 -21.98 5.37 2.92
C ASP A 269 -22.54 6.78 2.83
N GLY A 270 -23.83 6.98 3.10
CA GLY A 270 -24.42 8.33 3.03
C GLY A 270 -24.29 8.96 1.66
N ASP A 271 -24.08 8.15 0.61
CA ASP A 271 -23.81 8.62 -0.78
C ASP A 271 -22.64 9.62 -0.74
N LEU A 272 -21.61 9.41 0.08
CA LEU A 272 -20.40 10.26 0.12
C LEU A 272 -19.29 9.68 -0.78
N SER A 273 -19.42 8.45 -1.23
CA SER A 273 -18.32 7.77 -1.96
C SER A 273 -18.08 8.56 -3.25
N ARG A 274 -19.14 9.06 -3.88
CA ARG A 274 -18.99 9.67 -5.23
C ARG A 274 -18.05 10.86 -5.16
N ARG A 275 -18.19 11.72 -4.17
CA ARG A 275 -17.28 12.90 -4.08
C ARG A 275 -15.85 12.44 -3.76
N VAL A 276 -15.68 11.44 -2.92
CA VAL A 276 -14.33 10.86 -2.67
C VAL A 276 -13.71 10.41 -4.00
N ARG A 277 -14.45 9.68 -4.83
CA ARG A 277 -13.92 9.12 -6.09
C ARG A 277 -13.60 10.27 -7.05
N GLU A 278 -14.50 11.25 -7.15
CA GLU A 278 -14.23 12.47 -7.97
C GLU A 278 -12.92 13.11 -7.52
N LEU A 279 -12.66 13.25 -6.20
CA LEU A 279 -11.44 13.96 -5.69
C LEU A 279 -10.18 13.15 -6.00
N LEU A 280 -10.28 11.83 -5.94
CA LEU A 280 -9.16 10.89 -6.23
C LEU A 280 -8.91 10.81 -7.75
N ALA A 281 -9.82 11.31 -8.58
CA ALA A 281 -9.68 11.29 -10.05
C ALA A 281 -8.81 12.48 -10.52
#